data_6P6A
#
_entry.id   6P6A
#
_cell.length_a   78.678
_cell.length_b   90.180
_cell.length_c   99.181
_cell.angle_alpha   90.000
_cell.angle_beta   90.000
_cell.angle_gamma   90.000
#
_symmetry.space_group_name_H-M   'P 21 21 21'
#
loop_
_entity.id
_entity.type
_entity.pdbx_description
1 polymer 'Importin subunit alpha-1'
2 polymer 'Nitrogen catabolic enzyme regulatory protein'
3 water water
#
loop_
_entity_poly.entity_id
_entity_poly.type
_entity_poly.pdbx_seq_one_letter_code
_entity_poly.pdbx_strand_id
1 'polypeptide(L)'
;NQGTVNWSVEDIVKGINSNNLESQLQATQAARKLLSREKQPPIDNIIRAGLIPKFVSFLGKTDCSPIQFESAWALTNIAS
GTSEQTKAVVDGGAIPAFISLLASPHAHISEQAVWALGNIAGDGSAFRDLVIKHGAIDPLLALLAVPDLSTLACGYLRNL
TWTLSNLCRNKNPAPPLDAVEQILPTLVRLLHHNDPEVLADSCWAISYLTDGPNERIEMVVKKGVVPQLVKLLGATELPI
VTPALRAIGNIVTGTDEQTQKVIDAGALAVFPSLLTNPKTNIQKEATWTMSNITAGRQDQIQQVVNHGLVPFLVGVLSKA
DFKTQKEAAWAITNYTSGGTVEQIVYLVHCGIIEPLMNLLSAKDTKIIQVILDAISNIFQAAEKLGETEKLSIMIEECGG
LDKIEALQRHENESVYKASLNLIEKYFSVEEEEDQNVVPETTSEGFAFQVQDGAPGTFNF
;
B
2 'polypeptide(L)' TISSKRQRRHSKS A,C
#
# COMPACT_ATOMS: atom_id res chain seq x y z
N GLY A 3 -40.10 1.12 15.60
CA GLY A 3 -40.25 2.55 15.50
C GLY A 3 -39.76 3.09 14.15
N THR A 4 -38.44 3.09 13.96
CA THR A 4 -37.85 3.45 12.67
C THR A 4 -37.22 2.26 11.96
N VAL A 5 -37.57 1.04 12.36
CA VAL A 5 -36.98 -0.16 11.82
C VAL A 5 -37.86 -0.66 10.67
N ASN A 6 -37.26 -0.84 9.49
CA ASN A 6 -37.89 -1.46 8.32
C ASN A 6 -38.96 -0.58 7.69
N TRP A 7 -38.71 0.72 7.57
CA TRP A 7 -39.62 1.53 6.76
C TRP A 7 -39.38 1.24 5.28
N SER A 8 -40.42 1.40 4.48
CA SER A 8 -40.27 1.46 3.05
C SER A 8 -39.72 2.83 2.63
N VAL A 9 -39.10 2.87 1.44
CA VAL A 9 -38.59 4.13 0.91
C VAL A 9 -39.73 5.14 0.76
N GLU A 10 -40.92 4.66 0.39
CA GLU A 10 -42.07 5.53 0.21
C GLU A 10 -42.45 6.23 1.50
N ASP A 11 -42.52 5.48 2.61
CA ASP A 11 -42.77 6.10 3.91
C ASP A 11 -41.68 7.10 4.28
N ILE A 12 -40.42 6.78 3.94
CA ILE A 12 -39.33 7.69 4.27
C ILE A 12 -39.50 9.00 3.52
N VAL A 13 -39.82 8.91 2.22
CA VAL A 13 -40.07 10.11 1.44
C VAL A 13 -41.23 10.91 2.02
N LYS A 14 -42.29 10.22 2.44
CA LYS A 14 -43.46 10.91 2.99
C LYS A 14 -43.10 11.69 4.25
N GLY A 15 -42.31 11.12 5.14
CA GLY A 15 -41.92 11.82 6.35
C GLY A 15 -40.96 12.97 6.08
N ILE A 16 -39.99 12.75 5.19
CA ILE A 16 -39.01 13.79 4.89
C ILE A 16 -39.66 14.97 4.20
N ASN A 17 -40.69 14.75 3.39
CA ASN A 17 -41.39 15.80 2.66
C ASN A 17 -42.46 16.49 3.48
N SER A 18 -42.58 16.16 4.78
CA SER A 18 -43.74 16.56 5.57
C SER A 18 -43.69 18.01 6.09
N ASN A 19 -42.53 18.67 6.08
CA ASN A 19 -42.40 20.00 6.70
C ASN A 19 -42.64 19.96 8.21
N ASN A 20 -42.52 18.80 8.83
CA ASN A 20 -42.61 18.64 10.28
C ASN A 20 -41.25 18.12 10.69
N LEU A 21 -40.48 18.94 11.42
CA LEU A 21 -39.08 18.59 11.70
C LEU A 21 -38.97 17.28 12.44
N GLU A 22 -39.88 17.04 13.41
CA GLU A 22 -39.83 15.76 14.10
C GLU A 22 -40.16 14.60 13.16
N SER A 23 -41.14 14.79 12.27
CA SER A 23 -41.46 13.74 11.29
C SER A 23 -40.28 13.48 10.38
N GLN A 24 -39.57 14.54 10.00
CA GLN A 24 -38.40 14.40 9.16
C GLN A 24 -37.27 13.71 9.90
N LEU A 25 -37.11 14.02 11.19
CA LEU A 25 -36.10 13.36 12.01
C LEU A 25 -36.35 11.85 12.04
N GLN A 26 -37.61 11.46 12.29
CA GLN A 26 -37.93 10.05 12.37
C GLN A 26 -37.72 9.36 11.03
N ALA A 27 -38.13 10.02 9.94
CA ALA A 27 -37.95 9.41 8.62
C ALA A 27 -36.47 9.32 8.26
N THR A 28 -35.67 10.31 8.66
CA THR A 28 -34.25 10.28 8.34
C THR A 28 -33.54 9.16 9.11
N GLN A 29 -33.90 8.97 10.38
CA GLN A 29 -33.34 7.85 11.13
C GLN A 29 -33.75 6.52 10.49
N ALA A 30 -35.00 6.42 10.02
CA ALA A 30 -35.43 5.21 9.32
C ALA A 30 -34.59 4.98 8.06
N ALA A 31 -34.25 6.07 7.34
CA ALA A 31 -33.37 5.93 6.19
C ALA A 31 -31.98 5.48 6.62
N ARG A 32 -31.47 6.06 7.72
CA ARG A 32 -30.16 5.66 8.23
C ARG A 32 -30.12 4.17 8.54
N LYS A 33 -31.20 3.64 9.13
CA LYS A 33 -31.20 2.22 9.49
C LYS A 33 -31.28 1.34 8.25
N LEU A 34 -32.06 1.75 7.26
CA LEU A 34 -32.07 1.03 5.98
C LEU A 34 -30.68 0.99 5.37
N LEU A 35 -30.00 2.14 5.34
CA LEU A 35 -28.70 2.24 4.70
C LEU A 35 -27.60 1.59 5.51
N SER A 36 -27.87 1.15 6.74
CA SER A 36 -26.87 0.50 7.58
C SER A 36 -26.90 -1.01 7.50
N ARG A 37 -27.88 -1.60 6.83
CA ARG A 37 -27.93 -3.06 6.78
C ARG A 37 -26.84 -3.59 5.86
N GLU A 38 -26.38 -4.81 6.15
CA GLU A 38 -25.22 -5.31 5.41
C GLU A 38 -25.61 -5.83 4.03
N LYS A 39 -26.70 -6.58 3.94
CA LYS A 39 -27.10 -7.16 2.67
C LYS A 39 -27.87 -6.13 1.85
N GLN A 40 -27.28 -5.72 0.74
CA GLN A 40 -27.91 -4.87 -0.27
C GLN A 40 -28.67 -3.68 0.31
N PRO A 41 -27.98 -2.78 1.00
CA PRO A 41 -28.63 -1.54 1.44
C PRO A 41 -29.18 -0.81 0.23
N PRO A 42 -30.40 -0.29 0.31
CA PRO A 42 -31.06 0.25 -0.90
C PRO A 42 -30.58 1.66 -1.24
N ILE A 43 -29.30 1.76 -1.58
CA ILE A 43 -28.68 3.05 -1.86
C ILE A 43 -29.30 3.70 -3.09
N ASP A 44 -29.46 2.92 -4.17
CA ASP A 44 -30.01 3.49 -5.41
C ASP A 44 -31.46 3.90 -5.25
N ASN A 45 -32.24 3.14 -4.47
CA ASN A 45 -33.62 3.52 -4.22
C ASN A 45 -33.71 4.84 -3.47
N ILE A 46 -32.84 5.04 -2.47
CA ILE A 46 -32.81 6.30 -1.74
C ILE A 46 -32.39 7.44 -2.66
N ILE A 47 -31.36 7.21 -3.49
CA ILE A 47 -30.93 8.24 -4.43
C ILE A 47 -32.06 8.59 -5.38
N ARG A 48 -32.67 7.56 -5.99
CA ARG A 48 -33.71 7.77 -6.98
C ARG A 48 -34.92 8.50 -6.41
N ALA A 49 -35.18 8.35 -5.11
CA ALA A 49 -36.28 9.07 -4.46
C ALA A 49 -35.98 10.55 -4.26
N GLY A 50 -34.79 11.01 -4.61
CA GLY A 50 -34.47 12.42 -4.51
C GLY A 50 -34.15 12.90 -3.12
N LEU A 51 -33.70 12.01 -2.23
CA LEU A 51 -33.56 12.38 -0.83
C LEU A 51 -32.25 13.10 -0.51
N ILE A 52 -31.21 12.99 -1.35
CA ILE A 52 -29.91 13.55 -0.98
C ILE A 52 -29.97 15.05 -0.71
N PRO A 53 -30.60 15.89 -1.56
CA PRO A 53 -30.69 17.31 -1.22
C PRO A 53 -31.35 17.56 0.13
N LYS A 54 -32.35 16.77 0.50
CA LYS A 54 -32.98 16.92 1.81
C LYS A 54 -32.00 16.56 2.92
N PHE A 55 -31.29 15.43 2.78
CA PHE A 55 -30.27 15.05 3.77
C PHE A 55 -29.23 16.15 3.91
N VAL A 56 -28.79 16.71 2.79
CA VAL A 56 -27.75 17.74 2.83
C VAL A 56 -28.26 18.97 3.58
N SER A 57 -29.52 19.35 3.37
CA SER A 57 -30.00 20.52 4.10
C SER A 57 -30.17 20.22 5.58
N PHE A 58 -30.50 18.97 5.93
CA PHE A 58 -30.56 18.60 7.34
C PHE A 58 -29.21 18.72 8.03
N LEU A 59 -28.10 18.65 7.29
CA LEU A 59 -26.79 18.83 7.91
C LEU A 59 -26.64 20.22 8.51
N GLY A 60 -27.39 21.20 7.99
CA GLY A 60 -27.31 22.56 8.46
C GLY A 60 -28.21 22.91 9.63
N LYS A 61 -28.99 21.96 10.14
CA LYS A 61 -29.98 22.27 11.19
C LYS A 61 -29.31 22.20 12.56
N THR A 62 -28.66 23.31 12.91
CA THR A 62 -27.89 23.39 14.16
C THR A 62 -28.77 23.21 15.40
N ASP A 63 -30.04 23.59 15.34
CA ASP A 63 -30.91 23.47 16.50
C ASP A 63 -31.42 22.06 16.71
N CYS A 64 -31.22 21.16 15.75
CA CYS A 64 -31.70 19.78 15.85
C CYS A 64 -30.51 18.86 15.56
N SER A 65 -29.60 18.76 16.52
CA SER A 65 -28.42 17.94 16.31
C SER A 65 -28.73 16.48 15.98
N PRO A 66 -29.80 15.84 16.51
CA PRO A 66 -30.09 14.46 16.06
C PRO A 66 -30.28 14.32 14.55
N ILE A 67 -30.96 15.26 13.89
CA ILE A 67 -31.14 15.09 12.45
C ILE A 67 -29.88 15.42 11.67
N GLN A 68 -28.97 16.22 12.24
CA GLN A 68 -27.64 16.38 11.66
C GLN A 68 -26.91 15.06 11.66
N PHE A 69 -26.93 14.36 12.80
CA PHE A 69 -26.26 13.07 12.93
C PHE A 69 -26.86 12.04 11.98
N GLU A 70 -28.19 11.88 12.03
CA GLU A 70 -28.86 10.85 11.21
C GLU A 70 -28.63 11.09 9.73
N SER A 71 -28.76 12.35 9.27
CA SER A 71 -28.52 12.61 7.85
C SER A 71 -27.04 12.45 7.51
N ALA A 72 -26.14 12.81 8.44
CA ALA A 72 -24.71 12.61 8.22
C ALA A 72 -24.39 11.13 8.05
N TRP A 73 -25.01 10.30 8.89
CA TRP A 73 -24.83 8.85 8.80
C TRP A 73 -25.45 8.29 7.52
N ALA A 74 -26.65 8.74 7.17
CA ALA A 74 -27.28 8.27 5.93
C ALA A 74 -26.42 8.60 4.72
N LEU A 75 -25.94 9.85 4.65
CA LEU A 75 -25.14 10.24 3.50
C LEU A 75 -23.79 9.53 3.50
N THR A 76 -23.20 9.36 4.68
CA THR A 76 -21.99 8.56 4.81
C THR A 76 -22.13 7.23 4.08
N ASN A 77 -23.27 6.58 4.26
CA ASN A 77 -23.44 5.22 3.76
C ASN A 77 -23.80 5.20 2.28
N ILE A 78 -24.43 6.26 1.76
CA ILE A 78 -24.51 6.41 0.31
C ILE A 78 -23.12 6.61 -0.28
N ALA A 79 -22.30 7.46 0.37
CA ALA A 79 -20.97 7.74 -0.15
C ALA A 79 -20.05 6.53 -0.04
N SER A 80 -20.41 5.54 0.79
CA SER A 80 -19.65 4.30 0.92
C SER A 80 -19.82 3.38 -0.27
N GLY A 81 -20.70 3.71 -1.22
CA GLY A 81 -21.02 2.80 -2.31
C GLY A 81 -20.11 2.97 -3.51
N THR A 82 -20.68 2.83 -4.70
CA THR A 82 -19.93 3.00 -5.94
C THR A 82 -19.55 4.47 -6.16
N SER A 83 -18.72 4.70 -7.18
CA SER A 83 -18.36 6.06 -7.58
C SER A 83 -19.58 6.88 -7.96
N GLU A 84 -20.51 6.28 -8.69
CA GLU A 84 -21.73 7.00 -9.06
C GLU A 84 -22.53 7.37 -7.81
N GLN A 85 -22.54 6.49 -6.80
CA GLN A 85 -23.27 6.78 -5.58
C GLN A 85 -22.59 7.86 -4.75
N THR A 86 -21.25 7.80 -4.64
CA THR A 86 -20.50 8.89 -4.01
C THR A 86 -20.70 10.20 -4.77
N LYS A 87 -20.69 10.14 -6.11
CA LYS A 87 -20.92 11.34 -6.90
C LYS A 87 -22.28 11.98 -6.58
N ALA A 88 -23.32 11.17 -6.35
CA ALA A 88 -24.62 11.76 -6.02
C ALA A 88 -24.53 12.55 -4.73
N VAL A 89 -23.74 12.06 -3.77
CA VAL A 89 -23.56 12.78 -2.51
C VAL A 89 -22.84 14.10 -2.74
N VAL A 90 -21.75 14.06 -3.50
CA VAL A 90 -21.00 15.26 -3.84
C VAL A 90 -21.87 16.23 -4.62
N ASP A 91 -22.60 15.72 -5.63
CA ASP A 91 -23.44 16.58 -6.47
C ASP A 91 -24.51 17.30 -5.66
N GLY A 92 -24.91 16.73 -4.53
CA GLY A 92 -25.87 17.41 -3.67
C GLY A 92 -25.31 18.49 -2.79
N GLY A 93 -24.03 18.81 -2.90
CA GLY A 93 -23.42 19.83 -2.06
C GLY A 93 -22.94 19.35 -0.71
N ALA A 94 -22.72 18.05 -0.52
CA ALA A 94 -22.38 17.55 0.81
C ALA A 94 -20.99 17.96 1.28
N ILE A 95 -20.05 18.23 0.40
CA ILE A 95 -18.67 18.42 0.83
C ILE A 95 -18.52 19.64 1.75
N PRO A 96 -18.95 20.86 1.36
CA PRO A 96 -18.80 21.99 2.30
C PRO A 96 -19.68 21.83 3.54
N ALA A 97 -20.84 21.17 3.43
CA ALA A 97 -21.69 20.96 4.59
C ALA A 97 -21.01 20.02 5.60
N PHE A 98 -20.33 18.97 5.11
CA PHE A 98 -19.59 18.10 6.01
C PHE A 98 -18.40 18.82 6.64
N ILE A 99 -17.72 19.67 5.88
CA ILE A 99 -16.58 20.38 6.43
C ILE A 99 -17.03 21.33 7.53
N SER A 100 -18.20 21.95 7.36
CA SER A 100 -18.76 22.79 8.42
C SER A 100 -19.05 21.98 9.66
N LEU A 101 -19.51 20.75 9.50
CA LEU A 101 -19.84 19.90 10.64
C LEU A 101 -18.61 19.45 11.43
N LEU A 102 -17.41 19.54 10.85
CA LEU A 102 -16.22 19.21 11.61
C LEU A 102 -16.06 20.09 12.84
N ALA A 103 -16.66 21.28 12.83
CA ALA A 103 -16.61 22.18 13.98
C ALA A 103 -17.74 21.93 14.98
N SER A 104 -18.59 20.94 14.74
CA SER A 104 -19.70 20.69 15.66
C SER A 104 -19.19 20.48 17.08
N PRO A 105 -19.89 21.03 18.08
CA PRO A 105 -19.55 20.70 19.48
C PRO A 105 -19.92 19.28 19.88
N HIS A 106 -20.68 18.57 19.06
CA HIS A 106 -21.06 17.20 19.37
C HIS A 106 -20.06 16.27 18.71
N ALA A 107 -19.27 15.56 19.54
CA ALA A 107 -18.19 14.74 19.02
C ALA A 107 -18.71 13.69 18.03
N HIS A 108 -19.89 13.13 18.29
CA HIS A 108 -20.39 12.08 17.42
C HIS A 108 -20.82 12.61 16.06
N ILE A 109 -21.12 13.90 15.97
CA ILE A 109 -21.47 14.50 14.68
C ILE A 109 -20.22 14.90 13.91
N SER A 110 -19.23 15.50 14.57
CA SER A 110 -17.99 15.78 13.85
C SER A 110 -17.32 14.49 13.39
N GLU A 111 -17.37 13.44 14.21
CA GLU A 111 -16.83 12.14 13.79
C GLU A 111 -17.54 11.61 12.57
N GLN A 112 -18.86 11.79 12.51
CA GLN A 112 -19.60 11.28 11.35
C GLN A 112 -19.23 12.07 10.10
N ALA A 113 -19.00 13.37 10.26
CA ALA A 113 -18.56 14.19 9.14
C ALA A 113 -17.15 13.78 8.70
N VAL A 114 -16.27 13.48 9.67
CA VAL A 114 -14.96 12.93 9.34
C VAL A 114 -15.13 11.67 8.51
N TRP A 115 -16.00 10.77 8.95
CA TRP A 115 -16.25 9.51 8.25
C TRP A 115 -16.71 9.76 6.82
N ALA A 116 -17.70 10.64 6.65
CA ALA A 116 -18.26 10.88 5.32
C ALA A 116 -17.21 11.44 4.37
N LEU A 117 -16.39 12.39 4.84
CA LEU A 117 -15.34 12.96 3.99
C LEU A 117 -14.30 11.92 3.61
N GLY A 118 -14.01 10.97 4.49
CA GLY A 118 -13.10 9.88 4.13
C GLY A 118 -13.65 8.99 3.02
N ASN A 119 -14.97 8.75 3.02
CA ASN A 119 -15.57 8.00 1.91
C ASN A 119 -15.54 8.79 0.62
N ILE A 120 -15.85 10.08 0.69
CA ILE A 120 -15.80 10.93 -0.50
C ILE A 120 -14.37 11.00 -1.02
N ALA A 121 -13.43 11.37 -0.15
CA ALA A 121 -12.04 11.45 -0.58
C ALA A 121 -11.53 10.10 -1.04
N GLY A 122 -12.01 9.01 -0.44
CA GLY A 122 -11.55 7.68 -0.81
C GLY A 122 -11.99 7.23 -2.18
N ASP A 123 -12.94 7.93 -2.80
CA ASP A 123 -13.42 7.49 -4.10
C ASP A 123 -12.32 7.55 -5.16
N GLY A 124 -11.42 8.53 -5.08
CA GLY A 124 -10.44 8.73 -6.13
C GLY A 124 -9.82 10.11 -6.07
N SER A 125 -8.82 10.29 -6.95
CA SER A 125 -8.00 11.51 -6.96
C SER A 125 -8.82 12.78 -7.04
N ALA A 126 -9.82 12.82 -7.93
CA ALA A 126 -10.56 14.04 -8.19
C ALA A 126 -11.37 14.47 -6.98
N PHE A 127 -12.14 13.54 -6.40
CA PHE A 127 -12.92 13.88 -5.21
C PHE A 127 -12.00 14.13 -4.02
N ARG A 128 -10.88 13.39 -3.93
CA ARG A 128 -9.87 13.68 -2.92
C ARG A 128 -9.43 15.13 -3.03
N ASP A 129 -9.04 15.55 -4.23
CA ASP A 129 -8.57 16.91 -4.42
C ASP A 129 -9.70 17.92 -4.26
N LEU A 130 -10.95 17.52 -4.57
CA LEU A 130 -12.07 18.43 -4.36
C LEU A 130 -12.33 18.65 -2.87
N VAL A 131 -12.23 17.58 -2.07
CA VAL A 131 -12.33 17.73 -0.62
C VAL A 131 -11.24 18.66 -0.11
N ILE A 132 -10.02 18.53 -0.65
CA ILE A 132 -8.93 19.40 -0.22
C ILE A 132 -9.19 20.85 -0.63
N LYS A 133 -9.71 21.08 -1.84
CA LYS A 133 -9.97 22.45 -2.28
C LYS A 133 -11.06 23.12 -1.44
N HIS A 134 -12.05 22.36 -0.98
CA HIS A 134 -13.06 22.94 -0.11
C HIS A 134 -12.52 23.24 1.29
N GLY A 135 -11.26 22.93 1.58
CA GLY A 135 -10.66 23.32 2.84
C GLY A 135 -10.76 22.32 3.97
N ALA A 136 -10.85 21.02 3.67
CA ALA A 136 -11.04 20.03 4.74
C ALA A 136 -9.82 19.85 5.64
N ILE A 137 -8.60 20.11 5.14
CA ILE A 137 -7.42 19.67 5.88
C ILE A 137 -7.27 20.42 7.21
N ASP A 138 -7.40 21.75 7.19
CA ASP A 138 -7.23 22.53 8.43
C ASP A 138 -8.17 22.10 9.55
N PRO A 139 -9.50 22.02 9.35
CA PRO A 139 -10.35 21.56 10.47
C PRO A 139 -10.15 20.10 10.85
N LEU A 140 -9.74 19.24 9.91
CA LEU A 140 -9.43 17.86 10.25
C LEU A 140 -8.23 17.83 11.20
N LEU A 141 -7.16 18.53 10.82
CA LEU A 141 -5.95 18.51 11.63
C LEU A 141 -6.17 19.18 12.98
N ALA A 142 -7.02 20.21 13.02
CA ALA A 142 -7.34 20.87 14.28
C ALA A 142 -8.00 19.92 15.26
N LEU A 143 -8.77 18.93 14.78
CA LEU A 143 -9.36 17.94 15.68
C LEU A 143 -8.29 17.12 16.40
N LEU A 144 -7.10 17.01 15.82
CA LEU A 144 -5.99 16.27 16.40
C LEU A 144 -4.99 17.17 17.11
N ALA A 145 -5.30 18.46 17.29
CA ALA A 145 -4.34 19.40 17.88
C ALA A 145 -4.49 19.37 19.40
N VAL A 146 -4.12 18.24 19.98
CA VAL A 146 -4.16 18.06 21.42
C VAL A 146 -2.76 17.63 21.89
N PRO A 147 -2.39 17.91 23.13
CA PRO A 147 -1.04 17.54 23.59
C PRO A 147 -0.79 16.04 23.57
N ASP A 148 -1.79 15.22 23.86
CA ASP A 148 -1.61 13.78 23.93
C ASP A 148 -2.80 13.14 23.23
N LEU A 149 -2.53 12.44 22.12
CA LEU A 149 -3.58 11.78 21.35
C LEU A 149 -4.37 10.79 22.21
N SER A 150 -3.79 10.31 23.31
CA SER A 150 -4.43 9.32 24.16
C SER A 150 -5.69 9.83 24.84
N THR A 151 -5.91 11.14 24.86
CA THR A 151 -7.10 11.69 25.49
C THR A 151 -8.30 11.71 24.56
N LEU A 152 -8.10 11.40 23.28
CA LEU A 152 -9.18 11.35 22.31
C LEU A 152 -9.82 9.98 22.37
N ALA A 153 -11.12 9.94 22.10
CA ALA A 153 -11.82 8.67 22.10
C ALA A 153 -11.27 7.77 20.99
N CYS A 154 -11.24 6.48 21.26
CA CYS A 154 -10.52 5.52 20.43
C CYS A 154 -11.12 5.45 19.03
N GLY A 155 -12.44 5.29 18.92
CA GLY A 155 -13.05 5.19 17.61
C GLY A 155 -12.92 6.47 16.82
N TYR A 156 -13.01 7.60 17.52
CA TYR A 156 -12.85 8.91 16.92
C TYR A 156 -11.46 9.08 16.29
N LEU A 157 -10.42 8.72 17.03
CA LEU A 157 -9.06 8.80 16.51
C LEU A 157 -8.85 7.87 15.32
N ARG A 158 -9.41 6.65 15.38
CA ARG A 158 -9.30 5.73 14.26
C ARG A 158 -9.94 6.28 13.00
N ASN A 159 -11.11 6.91 13.12
CA ASN A 159 -11.78 7.44 11.94
C ASN A 159 -10.99 8.61 11.36
N LEU A 160 -10.44 9.48 12.21
CA LEU A 160 -9.62 10.58 11.72
C LEU A 160 -8.39 10.06 10.99
N THR A 161 -7.70 9.07 11.58
CA THR A 161 -6.52 8.51 10.94
C THR A 161 -6.86 7.94 9.57
N TRP A 162 -7.96 7.20 9.50
CA TRP A 162 -8.36 6.60 8.23
C TRP A 162 -8.71 7.66 7.18
N THR A 163 -9.46 8.69 7.57
CA THR A 163 -9.80 9.73 6.61
C THR A 163 -8.55 10.48 6.15
N LEU A 164 -7.60 10.73 7.06
CA LEU A 164 -6.34 11.34 6.64
C LEU A 164 -5.61 10.44 5.66
N SER A 165 -5.65 9.11 5.88
CA SER A 165 -4.96 8.20 4.97
C SER A 165 -5.61 8.21 3.58
N ASN A 166 -6.92 8.49 3.49
CA ASN A 166 -7.54 8.59 2.17
C ASN A 166 -7.17 9.90 1.48
N LEU A 167 -6.88 10.96 2.23
CA LEU A 167 -6.32 12.16 1.62
C LEU A 167 -4.92 11.95 1.08
N CYS A 168 -4.20 10.93 1.56
CA CYS A 168 -2.86 10.58 1.08
C CYS A 168 -2.89 9.57 -0.05
N ARG A 169 -4.04 9.01 -0.35
CA ARG A 169 -4.17 7.87 -1.23
C ARG A 169 -4.40 8.31 -2.68
N ASN A 170 -4.05 7.40 -3.59
CA ASN A 170 -4.32 7.46 -5.03
C ASN A 170 -3.29 8.28 -5.78
N LYS A 171 -3.24 8.07 -7.09
CA LYS A 171 -2.22 8.63 -7.95
C LYS A 171 -2.92 9.15 -9.20
N ASN A 172 -2.12 9.61 -10.16
CA ASN A 172 -2.59 10.24 -11.39
C ASN A 172 -3.78 11.19 -11.16
N PRO A 173 -3.58 12.28 -10.41
CA PRO A 173 -2.29 12.64 -9.81
C PRO A 173 -2.19 12.23 -8.33
N ALA A 174 -0.97 12.24 -7.82
CA ALA A 174 -0.76 12.11 -6.39
C ALA A 174 -1.32 13.34 -5.68
N PRO A 175 -1.51 13.29 -4.36
CA PRO A 175 -2.12 14.42 -3.66
C PRO A 175 -1.26 15.67 -3.81
N PRO A 176 -1.84 16.86 -3.66
CA PRO A 176 -1.04 18.07 -3.85
C PRO A 176 0.10 18.15 -2.84
N LEU A 177 1.27 18.59 -3.33
CA LEU A 177 2.47 18.61 -2.51
C LEU A 177 2.25 19.36 -1.20
N ASP A 178 1.62 20.54 -1.28
CA ASP A 178 1.42 21.33 -0.07
C ASP A 178 0.44 20.69 0.89
N ALA A 179 -0.53 19.92 0.37
CA ALA A 179 -1.43 19.19 1.23
C ALA A 179 -0.69 18.09 1.97
N VAL A 180 0.24 17.41 1.30
CA VAL A 180 1.03 16.38 1.94
C VAL A 180 1.92 17.00 3.03
N GLU A 181 2.59 18.12 2.70
CA GLU A 181 3.43 18.77 3.70
C GLU A 181 2.62 19.19 4.91
N GLN A 182 1.41 19.70 4.68
CA GLN A 182 0.55 20.09 5.79
C GLN A 182 0.15 18.89 6.66
N ILE A 183 -0.11 17.74 6.03
CA ILE A 183 -0.59 16.57 6.76
C ILE A 183 0.55 15.83 7.49
N LEU A 184 1.75 15.79 6.92
CA LEU A 184 2.80 14.87 7.40
C LEU A 184 3.10 14.96 8.89
N PRO A 185 3.26 16.15 9.51
CA PRO A 185 3.58 16.16 10.95
C PRO A 185 2.53 15.46 11.80
N THR A 186 1.25 15.55 11.43
CA THR A 186 0.22 14.85 12.18
C THR A 186 0.32 13.35 11.91
N LEU A 187 0.60 12.98 10.66
CA LEU A 187 0.83 11.58 10.31
C LEU A 187 1.98 10.99 11.12
N VAL A 188 3.11 11.70 11.22
CA VAL A 188 4.24 11.22 12.01
C VAL A 188 3.80 10.96 13.45
N ARG A 189 3.01 11.87 13.99
CA ARG A 189 2.53 11.73 15.35
CA ARG A 189 2.51 11.74 15.35
C ARG A 189 1.59 10.53 15.49
N LEU A 190 0.70 10.31 14.50
CA LEU A 190 -0.16 9.13 14.56
C LEU A 190 0.65 7.85 14.42
N LEU A 191 1.75 7.88 13.67
CA LEU A 191 2.63 6.73 13.51
C LEU A 191 3.33 6.32 14.80
N HIS A 192 3.34 7.17 15.83
CA HIS A 192 3.92 6.83 17.11
C HIS A 192 2.86 6.57 18.17
N HIS A 193 1.58 6.57 17.78
CA HIS A 193 0.52 6.25 18.72
C HIS A 193 0.50 4.74 19.00
N ASN A 194 -0.10 4.35 20.12
CA ASN A 194 -0.08 2.97 20.57
C ASN A 194 -1.30 2.15 20.15
N ASP A 195 -2.21 2.69 19.37
CA ASP A 195 -3.35 1.87 18.97
C ASP A 195 -3.04 1.12 17.67
N PRO A 196 -3.25 -0.20 17.61
CA PRO A 196 -2.84 -0.94 16.40
C PRO A 196 -3.58 -0.53 15.15
N GLU A 197 -4.83 -0.10 15.26
CA GLU A 197 -5.55 0.35 14.06
C GLU A 197 -5.05 1.71 13.58
N VAL A 198 -4.81 2.63 14.49
CA VAL A 198 -4.20 3.89 14.11
C VAL A 198 -2.84 3.64 13.46
N LEU A 199 -2.05 2.72 14.05
CA LEU A 199 -0.74 2.39 13.49
C LEU A 199 -0.86 1.81 12.08
N ALA A 200 -1.80 0.88 11.88
CA ALA A 200 -1.99 0.29 10.57
C ALA A 200 -2.35 1.35 9.53
N ASP A 201 -3.30 2.23 9.86
CA ASP A 201 -3.76 3.20 8.88
C ASP A 201 -2.73 4.30 8.65
N SER A 202 -1.96 4.65 9.68
CA SER A 202 -0.83 5.57 9.51
C SER A 202 0.23 4.97 8.57
N CYS A 203 0.55 3.69 8.77
CA CYS A 203 1.46 3.00 7.85
C CYS A 203 0.90 2.99 6.44
N TRP A 204 -0.40 2.70 6.28
CA TRP A 204 -1.00 2.75 4.95
C TRP A 204 -0.80 4.13 4.33
N ALA A 205 -1.09 5.19 5.10
CA ALA A 205 -0.92 6.55 4.56
C ALA A 205 0.52 6.79 4.12
N ILE A 206 1.50 6.36 4.93
CA ILE A 206 2.90 6.55 4.56
C ILE A 206 3.24 5.72 3.34
N SER A 207 2.65 4.54 3.23
CA SER A 207 2.90 3.72 2.04
C SER A 207 2.36 4.37 0.78
N TYR A 208 1.21 5.04 0.87
CA TYR A 208 0.74 5.79 -0.29
C TYR A 208 1.69 6.91 -0.65
N LEU A 209 2.15 7.66 0.36
CA LEU A 209 2.96 8.85 0.08
C LEU A 209 4.32 8.48 -0.49
N THR A 210 4.83 7.29 -0.19
CA THR A 210 6.13 6.86 -0.67
C THR A 210 6.05 6.11 -2.00
N ASP A 211 4.84 5.85 -2.51
CA ASP A 211 4.65 5.20 -3.80
C ASP A 211 4.61 6.28 -4.88
N GLY A 212 5.80 6.67 -5.33
CA GLY A 212 5.90 7.72 -6.31
C GLY A 212 7.34 8.12 -6.58
N PRO A 213 7.54 9.28 -7.21
CA PRO A 213 8.90 9.70 -7.55
C PRO A 213 9.72 10.01 -6.31
N ASN A 214 11.04 10.11 -6.53
CA ASN A 214 11.99 10.22 -5.42
C ASN A 214 11.71 11.44 -4.54
N GLU A 215 11.17 12.51 -5.13
CA GLU A 215 10.83 13.70 -4.36
C GLU A 215 9.70 13.44 -3.38
N ARG A 216 8.76 12.57 -3.76
CA ARG A 216 7.70 12.20 -2.82
C ARG A 216 8.28 11.40 -1.68
N ILE A 217 9.12 10.41 -1.99
CA ILE A 217 9.80 9.63 -0.96
C ILE A 217 10.59 10.52 -0.02
N GLU A 218 11.32 11.48 -0.60
CA GLU A 218 12.19 12.34 0.20
C GLU A 218 11.41 13.14 1.24
N MET A 219 10.23 13.66 0.87
CA MET A 219 9.39 14.36 1.84
C MET A 219 9.12 13.51 3.05
N VAL A 220 8.84 12.22 2.85
CA VAL A 220 8.57 11.32 3.96
C VAL A 220 9.86 11.01 4.73
N VAL A 221 10.89 10.58 4.01
CA VAL A 221 12.13 10.15 4.65
C VAL A 221 12.74 11.29 5.46
N LYS A 222 12.59 12.53 4.98
CA LYS A 222 13.16 13.67 5.69
C LYS A 222 12.45 13.94 7.02
N LYS A 223 11.23 13.46 7.20
CA LYS A 223 10.55 13.60 8.49
C LYS A 223 11.03 12.60 9.54
N GLY A 224 12.02 11.76 9.23
CA GLY A 224 12.64 10.90 10.21
C GLY A 224 11.82 9.69 10.62
N VAL A 225 10.88 9.23 9.78
CA VAL A 225 9.98 8.15 10.16
C VAL A 225 10.52 6.75 9.90
N VAL A 226 11.65 6.62 9.18
CA VAL A 226 12.13 5.27 8.82
C VAL A 226 12.37 4.39 10.05
N PRO A 227 13.05 4.87 11.11
CA PRO A 227 13.18 4.00 12.30
C PRO A 227 11.84 3.51 12.85
N GLN A 228 10.84 4.38 12.95
CA GLN A 228 9.54 3.92 13.41
C GLN A 228 8.94 2.90 12.45
N LEU A 229 9.09 3.10 11.14
CA LEU A 229 8.59 2.11 10.19
C LEU A 229 9.27 0.77 10.37
N VAL A 230 10.58 0.79 10.63
CA VAL A 230 11.32 -0.45 10.83
C VAL A 230 10.89 -1.13 12.11
N LYS A 231 10.64 -0.34 13.16
CA LYS A 231 10.07 -0.91 14.37
C LYS A 231 8.73 -1.57 14.09
N LEU A 232 7.87 -0.93 13.30
CA LEU A 232 6.55 -1.48 13.00
C LEU A 232 6.66 -2.70 12.10
N LEU A 233 7.71 -2.75 11.28
CA LEU A 233 8.01 -3.92 10.47
C LEU A 233 8.13 -5.18 11.32
N GLY A 234 8.55 -5.03 12.58
CA GLY A 234 8.66 -6.14 13.49
C GLY A 234 7.46 -6.38 14.37
N ALA A 235 6.32 -5.76 14.08
CA ALA A 235 5.13 -5.92 14.92
C ALA A 235 4.53 -7.32 14.77
N THR A 236 3.80 -7.75 15.80
CA THR A 236 3.15 -9.05 15.68
C THR A 236 1.88 -9.00 14.87
N GLU A 237 1.25 -7.83 14.76
CA GLU A 237 0.00 -7.68 14.01
C GLU A 237 0.29 -7.58 12.52
N LEU A 238 -0.11 -8.61 11.77
CA LEU A 238 -0.05 -8.55 10.32
C LEU A 238 -0.65 -7.30 9.68
N PRO A 239 -1.78 -6.74 10.17
CA PRO A 239 -2.28 -5.50 9.55
C PRO A 239 -1.38 -4.30 9.75
N ILE A 240 -0.43 -4.36 10.68
CA ILE A 240 0.60 -3.33 10.77
C ILE A 240 1.79 -3.67 9.89
N VAL A 241 2.27 -4.92 9.96
CA VAL A 241 3.44 -5.34 9.19
C VAL A 241 3.23 -5.10 7.71
N THR A 242 2.04 -5.42 7.19
CA THR A 242 1.82 -5.33 5.75
C THR A 242 2.02 -3.90 5.21
N PRO A 243 1.35 -2.87 5.73
CA PRO A 243 1.61 -1.52 5.19
C PRO A 243 2.98 -0.98 5.58
N ALA A 244 3.52 -1.35 6.75
CA ALA A 244 4.88 -0.96 7.08
C ALA A 244 5.87 -1.51 6.06
N LEU A 245 5.68 -2.76 5.64
CA LEU A 245 6.58 -3.35 4.65
C LEU A 245 6.38 -2.71 3.27
N ARG A 246 5.14 -2.42 2.90
CA ARG A 246 4.92 -1.71 1.63
C ARG A 246 5.66 -0.37 1.63
N ALA A 247 5.57 0.38 2.73
CA ALA A 247 6.25 1.67 2.82
C ALA A 247 7.76 1.50 2.71
N ILE A 248 8.32 0.51 3.43
CA ILE A 248 9.75 0.28 3.40
C ILE A 248 10.17 -0.13 1.99
N GLY A 249 9.39 -1.03 1.37
CA GLY A 249 9.65 -1.40 -0.02
C GLY A 249 9.56 -0.21 -0.96
N ASN A 250 8.57 0.67 -0.76
CA ASN A 250 8.46 1.85 -1.62
C ASN A 250 9.69 2.74 -1.48
N ILE A 251 10.18 2.92 -0.25
CA ILE A 251 11.30 3.81 0.00
C ILE A 251 12.55 3.31 -0.72
N VAL A 252 12.77 1.98 -0.73
CA VAL A 252 13.99 1.49 -1.36
C VAL A 252 13.87 1.44 -2.88
N THR A 253 12.76 1.87 -3.46
CA THR A 253 12.79 2.14 -4.90
C THR A 253 13.39 3.51 -5.22
N GLY A 254 13.75 4.29 -4.22
CA GLY A 254 14.29 5.64 -4.39
C GLY A 254 15.78 5.65 -4.65
N THR A 255 16.44 6.72 -4.20
CA THR A 255 17.88 6.85 -4.39
C THR A 255 18.62 5.87 -3.49
N ASP A 256 19.92 5.69 -3.79
CA ASP A 256 20.78 4.90 -2.93
C ASP A 256 20.82 5.47 -1.51
N GLU A 257 20.78 6.80 -1.40
CA GLU A 257 20.78 7.46 -0.10
C GLU A 257 19.51 7.18 0.68
N GLN A 258 18.34 7.23 0.03
CA GLN A 258 17.10 6.90 0.71
C GLN A 258 17.09 5.43 1.11
N THR A 259 17.62 4.57 0.26
CA THR A 259 17.76 3.15 0.59
C THR A 259 18.67 2.96 1.80
N GLN A 260 19.77 3.72 1.86
CA GLN A 260 20.73 3.58 2.96
C GLN A 260 20.08 3.90 4.30
N LYS A 261 19.13 4.84 4.32
CA LYS A 261 18.44 5.15 5.57
C LYS A 261 17.64 3.96 6.09
N VAL A 262 17.08 3.17 5.18
CA VAL A 262 16.36 1.96 5.58
C VAL A 262 17.33 0.95 6.19
N ILE A 263 18.51 0.82 5.60
CA ILE A 263 19.53 -0.09 6.14
C ILE A 263 20.07 0.44 7.45
N ASP A 264 20.35 1.76 7.52
CA ASP A 264 20.90 2.33 8.75
C ASP A 264 19.95 2.12 9.92
N ALA A 265 18.64 2.11 9.65
CA ALA A 265 17.64 1.96 10.70
C ALA A 265 17.49 0.53 11.20
N GLY A 266 18.21 -0.42 10.61
CA GLY A 266 18.19 -1.81 11.06
C GLY A 266 17.20 -2.70 10.35
N ALA A 267 16.67 -2.29 9.19
CA ALA A 267 15.60 -3.06 8.55
C ALA A 267 16.05 -4.48 8.19
N LEU A 268 17.31 -4.67 7.79
CA LEU A 268 17.70 -5.98 7.25
C LEU A 268 17.63 -7.07 8.31
N ALA A 269 17.76 -6.73 9.59
CA ALA A 269 17.67 -7.74 10.63
C ALA A 269 16.28 -8.35 10.73
N VAL A 270 15.26 -7.72 10.14
CA VAL A 270 13.91 -8.27 10.18
C VAL A 270 13.68 -9.26 9.03
N PHE A 271 14.53 -9.25 8.01
CA PHE A 271 14.21 -10.00 6.81
C PHE A 271 14.36 -11.53 6.88
N PRO A 272 15.17 -12.10 7.79
CA PRO A 272 15.05 -13.56 7.99
C PRO A 272 13.62 -14.01 8.31
N SER A 273 12.91 -13.27 9.16
CA SER A 273 11.50 -13.56 9.42
C SER A 273 10.62 -13.26 8.21
N LEU A 274 10.79 -12.08 7.61
CA LEU A 274 9.89 -11.67 6.53
C LEU A 274 10.02 -12.61 5.33
N LEU A 275 11.24 -13.03 5.01
CA LEU A 275 11.47 -13.92 3.87
C LEU A 275 11.02 -15.35 4.13
N THR A 276 10.69 -15.72 5.38
CA THR A 276 10.08 -17.00 5.66
C THR A 276 8.67 -16.85 6.22
N ASN A 277 8.08 -15.66 6.13
CA ASN A 277 6.80 -15.39 6.75
C ASN A 277 5.71 -16.31 6.19
N PRO A 278 4.81 -16.83 7.03
CA PRO A 278 3.73 -17.72 6.54
C PRO A 278 2.77 -17.08 5.55
N LYS A 279 2.59 -15.76 5.57
CA LYS A 279 1.70 -15.09 4.62
C LYS A 279 2.47 -14.84 3.34
N THR A 280 2.00 -15.43 2.24
CA THR A 280 2.77 -15.37 1.01
C THR A 280 2.92 -13.95 0.49
N ASN A 281 1.95 -13.08 0.77
CA ASN A 281 2.08 -11.69 0.34
C ASN A 281 3.25 -10.98 1.04
N ILE A 282 3.49 -11.30 2.32
CA ILE A 282 4.65 -10.76 3.02
C ILE A 282 5.95 -11.26 2.37
N GLN A 283 6.03 -12.57 2.09
CA GLN A 283 7.23 -13.10 1.45
C GLN A 283 7.48 -12.42 0.11
N LYS A 284 6.42 -12.21 -0.68
CA LYS A 284 6.56 -11.55 -1.97
C LYS A 284 7.04 -10.11 -1.82
N GLU A 285 6.35 -9.32 -0.97
CA GLU A 285 6.72 -7.92 -0.77
C GLU A 285 8.13 -7.81 -0.23
N ALA A 286 8.51 -8.72 0.67
CA ALA A 286 9.84 -8.71 1.25
C ALA A 286 10.89 -9.08 0.22
N THR A 287 10.59 -10.02 -0.67
CA THR A 287 11.57 -10.40 -1.68
C THR A 287 11.69 -9.29 -2.74
N TRP A 288 10.59 -8.62 -3.07
CA TRP A 288 10.66 -7.47 -3.95
C TRP A 288 11.52 -6.36 -3.34
N THR A 289 11.29 -6.08 -2.05
CA THR A 289 12.12 -5.11 -1.34
C THR A 289 13.60 -5.50 -1.44
N MET A 290 13.91 -6.77 -1.18
CA MET A 290 15.28 -7.25 -1.30
C MET A 290 15.82 -7.02 -2.71
N SER A 291 14.98 -7.25 -3.73
CA SER A 291 15.45 -7.08 -5.09
C SER A 291 15.86 -5.64 -5.37
N ASN A 292 15.20 -4.66 -4.74
CA ASN A 292 15.57 -3.28 -4.95
C ASN A 292 16.77 -2.87 -4.11
N ILE A 293 17.00 -3.57 -3.00
CA ILE A 293 18.20 -3.33 -2.22
C ILE A 293 19.42 -3.93 -2.92
N THR A 294 19.27 -5.12 -3.52
CA THR A 294 20.40 -5.67 -4.27
C THR A 294 20.63 -4.92 -5.59
N ALA A 295 19.70 -4.04 -5.96
CA ALA A 295 19.94 -3.12 -7.08
C ALA A 295 20.76 -1.92 -6.66
N GLY A 296 21.23 -1.87 -5.41
CA GLY A 296 21.92 -0.72 -4.86
C GLY A 296 23.42 -0.81 -5.03
N ARG A 297 24.13 -0.03 -4.20
CA ARG A 297 25.58 -0.02 -4.25
C ARG A 297 26.16 -1.32 -3.71
N GLN A 298 27.43 -1.55 -4.06
CA GLN A 298 28.14 -2.73 -3.58
C GLN A 298 28.22 -2.77 -2.06
N ASP A 299 28.36 -1.60 -1.40
CA ASP A 299 28.34 -1.58 0.06
C ASP A 299 26.96 -1.91 0.61
N GLN A 300 25.91 -1.71 -0.18
CA GLN A 300 24.58 -2.11 0.26
C GLN A 300 24.35 -3.59 0.02
N ILE A 301 24.78 -4.10 -1.14
CA ILE A 301 24.87 -5.54 -1.34
C ILE A 301 25.67 -6.20 -0.22
N GLN A 302 26.77 -5.55 0.21
CA GLN A 302 27.59 -6.16 1.26
C GLN A 302 26.82 -6.29 2.56
N GLN A 303 25.95 -5.33 2.88
CA GLN A 303 25.09 -5.43 4.06
C GLN A 303 24.11 -6.57 3.94
N VAL A 304 23.56 -6.79 2.74
CA VAL A 304 22.73 -7.96 2.52
C VAL A 304 23.52 -9.21 2.84
N VAL A 305 24.79 -9.26 2.40
CA VAL A 305 25.64 -10.40 2.71
C VAL A 305 25.87 -10.52 4.21
N ASN A 306 26.27 -9.41 4.85
CA ASN A 306 26.63 -9.46 6.26
C ASN A 306 25.48 -9.95 7.12
N HIS A 307 24.27 -9.51 6.81
CA HIS A 307 23.08 -9.89 7.55
C HIS A 307 22.65 -11.34 7.30
N GLY A 308 23.39 -12.09 6.48
CA GLY A 308 23.05 -13.48 6.24
C GLY A 308 21.84 -13.69 5.35
N LEU A 309 21.53 -12.71 4.50
CA LEU A 309 20.30 -12.75 3.73
C LEU A 309 20.43 -13.49 2.40
N VAL A 310 21.64 -13.80 1.95
CA VAL A 310 21.76 -14.52 0.67
C VAL A 310 21.24 -15.95 0.81
N PRO A 311 21.55 -16.70 1.89
CA PRO A 311 20.87 -18.00 2.06
C PRO A 311 19.35 -17.90 2.09
N PHE A 312 18.79 -16.81 2.63
CA PHE A 312 17.34 -16.66 2.61
C PHE A 312 16.83 -16.43 1.19
N LEU A 313 17.62 -15.78 0.33
CA LEU A 313 17.23 -15.64 -1.08
C LEU A 313 17.33 -16.96 -1.82
N VAL A 314 18.38 -17.74 -1.55
CA VAL A 314 18.44 -19.11 -2.06
C VAL A 314 17.20 -19.89 -1.65
N GLY A 315 16.79 -19.77 -0.38
CA GLY A 315 15.61 -20.50 0.09
C GLY A 315 14.34 -20.13 -0.66
N VAL A 316 14.08 -18.83 -0.82
CA VAL A 316 12.89 -18.39 -1.55
C VAL A 316 12.98 -18.80 -3.01
N LEU A 317 14.18 -18.75 -3.60
CA LEU A 317 14.33 -19.23 -4.97
C LEU A 317 14.05 -20.72 -5.07
N SER A 318 14.46 -21.50 -4.06
CA SER A 318 14.23 -22.94 -4.08
C SER A 318 12.76 -23.30 -3.87
N LYS A 319 12.04 -22.56 -3.03
CA LYS A 319 10.67 -22.93 -2.68
C LYS A 319 9.93 -21.71 -2.18
N ALA A 320 8.89 -21.32 -2.90
CA ALA A 320 8.02 -20.20 -2.56
C ALA A 320 6.93 -20.21 -3.62
N ASP A 321 5.88 -19.42 -3.40
CA ASP A 321 4.93 -19.30 -4.49
C ASP A 321 5.61 -18.57 -5.66
N PHE A 322 5.09 -18.82 -6.86
CA PHE A 322 5.83 -18.45 -8.07
C PHE A 322 6.14 -16.96 -8.13
N LYS A 323 5.19 -16.11 -7.73
CA LYS A 323 5.45 -14.68 -7.84
C LYS A 323 6.53 -14.22 -6.86
N THR A 324 6.67 -14.90 -5.72
CA THR A 324 7.81 -14.66 -4.85
C THR A 324 9.11 -15.12 -5.50
N GLN A 325 9.08 -16.31 -6.11
CA GLN A 325 10.26 -16.84 -6.78
C GLN A 325 10.73 -15.90 -7.89
N LYS A 326 9.80 -15.24 -8.57
CA LYS A 326 10.19 -14.31 -9.62
C LYS A 326 10.84 -13.06 -9.05
N GLU A 327 10.33 -12.56 -7.93
CA GLU A 327 11.03 -11.47 -7.23
C GLU A 327 12.41 -11.90 -6.76
N ALA A 328 12.54 -13.17 -6.36
CA ALA A 328 13.85 -13.66 -5.95
C ALA A 328 14.80 -13.71 -7.13
N ALA A 329 14.32 -14.18 -8.29
CA ALA A 329 15.13 -14.15 -9.49
C ALA A 329 15.61 -12.73 -9.80
N TRP A 330 14.70 -11.75 -9.70
CA TRP A 330 15.08 -10.35 -9.89
C TRP A 330 16.14 -9.93 -8.88
N ALA A 331 15.95 -10.29 -7.61
CA ALA A 331 16.95 -10.00 -6.58
C ALA A 331 18.33 -10.53 -6.97
N ILE A 332 18.37 -11.71 -7.58
CA ILE A 332 19.63 -12.33 -7.95
C ILE A 332 20.26 -11.63 -9.14
N THR A 333 19.46 -11.32 -10.17
CA THR A 333 20.02 -10.63 -11.32
C THR A 333 20.53 -9.25 -10.95
N ASN A 334 19.81 -8.55 -10.07
CA ASN A 334 20.29 -7.24 -9.61
C ASN A 334 21.60 -7.38 -8.84
N TYR A 335 21.66 -8.35 -7.93
CA TYR A 335 22.87 -8.63 -7.18
C TYR A 335 24.05 -8.92 -8.11
N THR A 336 23.88 -9.85 -9.05
CA THR A 336 24.96 -10.20 -9.97
C THR A 336 25.27 -9.08 -10.95
N SER A 337 24.32 -8.16 -11.16
CA SER A 337 24.58 -7.02 -12.04
C SER A 337 25.48 -5.99 -11.37
N GLY A 338 25.27 -5.74 -10.07
CA GLY A 338 26.01 -4.69 -9.40
C GLY A 338 27.08 -5.15 -8.43
N GLY A 339 27.16 -6.46 -8.16
CA GLY A 339 28.05 -6.95 -7.13
C GLY A 339 29.49 -7.06 -7.60
N THR A 340 30.40 -7.16 -6.64
CA THR A 340 31.79 -7.47 -6.95
C THR A 340 31.94 -8.94 -7.30
N VAL A 341 33.11 -9.27 -7.84
CA VAL A 341 33.45 -10.67 -8.11
C VAL A 341 33.32 -11.51 -6.85
N GLU A 342 33.88 -11.02 -5.73
CA GLU A 342 33.81 -11.75 -4.46
C GLU A 342 32.37 -11.94 -4.02
N GLN A 343 31.54 -10.91 -4.15
CA GLN A 343 30.14 -11.04 -3.76
C GLN A 343 29.43 -12.08 -4.62
N ILE A 344 29.76 -12.12 -5.92
CA ILE A 344 29.13 -13.08 -6.84
C ILE A 344 29.63 -14.50 -6.54
N VAL A 345 30.92 -14.65 -6.26
CA VAL A 345 31.45 -15.96 -5.86
C VAL A 345 30.74 -16.45 -4.61
N TYR A 346 30.55 -15.56 -3.63
CA TYR A 346 29.83 -15.90 -2.41
C TYR A 346 28.42 -16.40 -2.71
N LEU A 347 27.75 -15.76 -3.67
CA LEU A 347 26.42 -16.17 -4.07
C LEU A 347 26.40 -17.62 -4.56
N VAL A 348 27.36 -17.97 -5.42
CA VAL A 348 27.44 -19.35 -5.91
C VAL A 348 27.68 -20.32 -4.75
N HIS A 349 28.59 -19.96 -3.84
CA HIS A 349 28.91 -20.84 -2.71
C HIS A 349 27.70 -21.07 -1.81
N CYS A 350 26.77 -20.12 -1.75
CA CYS A 350 25.54 -20.27 -1.00
C CYS A 350 24.55 -21.22 -1.65
N GLY A 351 24.78 -21.62 -2.89
CA GLY A 351 23.93 -22.57 -3.58
C GLY A 351 22.91 -21.97 -4.54
N ILE A 352 23.19 -20.81 -5.13
CA ILE A 352 22.18 -20.19 -5.99
C ILE A 352 21.98 -20.93 -7.31
N ILE A 353 22.95 -21.73 -7.76
CA ILE A 353 22.95 -22.18 -9.16
C ILE A 353 21.83 -23.20 -9.40
N GLU A 354 21.73 -24.23 -8.55
CA GLU A 354 20.72 -25.24 -8.81
C GLU A 354 19.31 -24.69 -8.77
N PRO A 355 18.88 -23.95 -7.74
CA PRO A 355 17.51 -23.41 -7.77
C PRO A 355 17.29 -22.42 -8.91
N LEU A 356 18.33 -21.71 -9.32
CA LEU A 356 18.24 -20.84 -10.51
C LEU A 356 17.96 -21.67 -11.75
N MET A 357 18.67 -22.80 -11.90
CA MET A 357 18.45 -23.65 -13.05
C MET A 357 17.05 -24.25 -13.03
N ASN A 358 16.58 -24.67 -11.86
CA ASN A 358 15.28 -25.32 -11.78
C ASN A 358 14.16 -24.41 -12.26
N LEU A 359 14.31 -23.10 -12.06
CA LEU A 359 13.30 -22.14 -12.49
C LEU A 359 13.33 -21.88 -13.99
N LEU A 360 14.32 -22.42 -14.70
CA LEU A 360 14.31 -22.31 -16.15
C LEU A 360 13.25 -23.21 -16.77
N SER A 361 12.59 -24.03 -15.97
CA SER A 361 11.42 -24.79 -16.40
C SER A 361 10.14 -23.96 -16.36
N ALA A 362 10.20 -22.74 -15.84
CA ALA A 362 9.00 -21.92 -15.73
C ALA A 362 8.52 -21.48 -17.10
N LYS A 363 7.21 -21.41 -17.27
CA LYS A 363 6.65 -20.96 -18.54
C LYS A 363 6.68 -19.44 -18.69
N ASP A 364 6.80 -18.71 -17.58
CA ASP A 364 6.92 -17.27 -17.62
C ASP A 364 8.15 -16.86 -18.44
N THR A 365 7.91 -16.11 -19.53
CA THR A 365 9.01 -15.75 -20.42
C THR A 365 9.96 -14.75 -19.77
N LYS A 366 9.45 -13.83 -18.95
CA LYS A 366 10.35 -12.82 -18.38
C LYS A 366 11.24 -13.37 -17.28
N ILE A 367 10.76 -14.33 -16.48
CA ILE A 367 11.65 -14.87 -15.46
C ILE A 367 12.77 -15.66 -16.13
N ILE A 368 12.51 -16.25 -17.30
CA ILE A 368 13.58 -16.93 -18.02
C ILE A 368 14.63 -15.92 -18.47
N GLN A 369 14.20 -14.76 -18.97
CA GLN A 369 15.13 -13.71 -19.34
C GLN A 369 15.92 -13.23 -18.13
N VAL A 370 15.24 -13.01 -17.01
CA VAL A 370 15.90 -12.57 -15.78
C VAL A 370 16.97 -13.57 -15.36
N ILE A 371 16.67 -14.87 -15.47
CA ILE A 371 17.60 -15.89 -15.01
C ILE A 371 18.78 -16.03 -15.95
N LEU A 372 18.52 -16.02 -17.27
CA LEU A 372 19.60 -16.05 -18.25
C LEU A 372 20.57 -14.89 -18.05
N ASP A 373 20.04 -13.68 -17.79
CA ASP A 373 20.89 -12.53 -17.48
C ASP A 373 21.75 -12.80 -16.26
N ALA A 374 21.14 -13.32 -15.19
CA ALA A 374 21.90 -13.64 -13.99
C ALA A 374 23.01 -14.64 -14.31
N ILE A 375 22.70 -15.66 -15.11
CA ILE A 375 23.70 -16.67 -15.44
C ILE A 375 24.85 -16.04 -16.23
N SER A 376 24.52 -15.15 -17.17
CA SER A 376 25.58 -14.47 -17.91
C SER A 376 26.41 -13.61 -16.97
N ASN A 377 25.77 -12.93 -16.03
CA ASN A 377 26.52 -12.10 -15.08
C ASN A 377 27.47 -12.94 -14.22
N ILE A 378 27.03 -14.14 -13.82
CA ILE A 378 27.88 -15.00 -13.02
C ILE A 378 29.04 -15.54 -13.86
N PHE A 379 28.77 -15.90 -15.12
CA PHE A 379 29.84 -16.34 -16.00
C PHE A 379 30.87 -15.23 -16.21
N GLN A 380 30.40 -13.99 -16.30
CA GLN A 380 31.33 -12.87 -16.46
C GLN A 380 32.26 -12.74 -15.26
N ALA A 381 31.76 -13.03 -14.05
CA ALA A 381 32.65 -13.02 -12.89
C ALA A 381 33.62 -14.20 -12.94
N ALA A 382 33.16 -15.36 -13.44
CA ALA A 382 34.03 -16.51 -13.54
C ALA A 382 35.09 -16.32 -14.63
N GLU A 383 34.80 -15.51 -15.64
CA GLU A 383 35.81 -15.13 -16.62
C GLU A 383 36.96 -14.40 -15.94
N LYS A 384 36.64 -13.43 -15.09
CA LYS A 384 37.66 -12.66 -14.38
C LYS A 384 38.51 -13.54 -13.46
N LEU A 385 38.06 -14.75 -13.14
CA LEU A 385 38.81 -15.66 -12.28
C LEU A 385 39.36 -16.87 -13.02
N GLY A 386 39.13 -16.98 -14.34
CA GLY A 386 39.56 -18.16 -15.06
C GLY A 386 38.81 -19.43 -14.72
N GLU A 387 37.70 -19.33 -13.99
CA GLU A 387 36.97 -20.49 -13.51
C GLU A 387 35.63 -20.66 -14.20
N THR A 388 35.57 -20.36 -15.51
CA THR A 388 34.33 -20.61 -16.25
C THR A 388 33.98 -22.10 -16.26
N GLU A 389 34.98 -22.92 -16.52
CA GLU A 389 34.81 -24.39 -16.62
C GLU A 389 34.19 -24.95 -15.34
N LYS A 390 34.69 -24.58 -14.16
CA LYS A 390 34.08 -25.15 -12.93
C LYS A 390 32.59 -24.80 -12.89
N LEU A 391 32.21 -23.61 -13.37
CA LEU A 391 30.82 -23.17 -13.35
C LEU A 391 29.99 -23.90 -14.39
N SER A 392 30.54 -24.11 -15.58
CA SER A 392 29.82 -24.88 -16.60
C SER A 392 29.51 -26.28 -16.11
N ILE A 393 30.48 -26.92 -15.45
CA ILE A 393 30.26 -28.25 -14.86
C ILE A 393 29.14 -28.19 -13.83
N MET A 394 29.19 -27.20 -12.94
CA MET A 394 28.14 -27.02 -11.95
C MET A 394 26.78 -26.89 -12.61
N ILE A 395 26.69 -26.08 -13.68
CA ILE A 395 25.42 -25.90 -14.38
C ILE A 395 24.99 -27.20 -15.04
N GLU A 396 25.95 -28.01 -15.49
CA GLU A 396 25.63 -29.24 -16.20
C GLU A 396 25.24 -30.37 -15.25
N GLU A 397 25.90 -30.46 -14.09
CA GLU A 397 25.58 -31.52 -13.15
C GLU A 397 24.18 -31.37 -12.55
N CYS A 398 23.66 -30.15 -12.48
CA CYS A 398 22.35 -29.93 -11.88
C CYS A 398 21.24 -29.86 -12.94
N GLY A 399 21.53 -30.31 -14.17
CA GLY A 399 20.53 -30.34 -15.23
C GLY A 399 20.32 -29.03 -15.94
N GLY A 400 21.13 -28.02 -15.64
CA GLY A 400 20.88 -26.69 -16.19
C GLY A 400 21.22 -26.57 -17.66
N LEU A 401 22.32 -27.20 -18.09
CA LEU A 401 22.69 -27.12 -19.50
C LEU A 401 21.61 -27.73 -20.39
N ASP A 402 20.95 -28.79 -19.91
CA ASP A 402 19.82 -29.35 -20.63
C ASP A 402 18.74 -28.31 -20.88
N LYS A 403 18.51 -27.43 -19.89
CA LYS A 403 17.45 -26.43 -20.05
C LYS A 403 17.94 -25.19 -20.79
N ILE A 404 19.23 -24.83 -20.68
CA ILE A 404 19.73 -23.73 -21.50
C ILE A 404 19.80 -24.17 -22.96
N GLU A 405 20.04 -25.46 -23.22
CA GLU A 405 20.05 -25.95 -24.58
C GLU A 405 18.64 -26.07 -25.15
N ALA A 406 17.68 -26.47 -24.31
CA ALA A 406 16.28 -26.48 -24.76
C ALA A 406 15.83 -25.07 -25.13
N LEU A 407 16.19 -24.07 -24.32
CA LEU A 407 15.68 -22.72 -24.51
C LEU A 407 16.16 -22.05 -25.79
N GLN A 408 17.21 -22.57 -26.43
CA GLN A 408 17.59 -21.94 -27.70
C GLN A 408 16.58 -22.22 -28.79
N ARG A 409 15.64 -23.14 -28.57
CA ARG A 409 14.44 -23.29 -29.37
C ARG A 409 13.27 -22.78 -28.54
N HIS A 410 13.16 -21.46 -28.43
CA HIS A 410 12.11 -20.82 -27.64
C HIS A 410 11.48 -19.70 -28.47
N GLU A 411 10.18 -19.48 -28.24
CA GLU A 411 9.43 -18.47 -28.99
C GLU A 411 10.13 -17.12 -28.96
N ASN A 412 10.27 -16.54 -27.75
CA ASN A 412 10.86 -15.22 -27.61
C ASN A 412 12.28 -15.20 -28.17
N GLU A 413 12.57 -14.21 -29.02
CA GLU A 413 13.85 -14.19 -29.72
C GLU A 413 15.00 -13.87 -28.77
N SER A 414 14.75 -13.01 -27.77
CA SER A 414 15.82 -12.65 -26.84
C SER A 414 16.17 -13.80 -25.90
N VAL A 415 15.21 -14.69 -25.63
CA VAL A 415 15.53 -15.92 -24.89
C VAL A 415 16.38 -16.84 -25.75
N TYR A 416 15.98 -17.05 -27.01
CA TYR A 416 16.75 -17.89 -27.92
C TYR A 416 18.17 -17.36 -28.06
N LYS A 417 18.33 -16.05 -28.23
CA LYS A 417 19.65 -15.46 -28.41
C LYS A 417 20.51 -15.65 -27.17
N ALA A 418 20.00 -15.24 -26.00
CA ALA A 418 20.74 -15.42 -24.77
C ALA A 418 21.08 -16.89 -24.52
N SER A 419 20.19 -17.78 -24.93
CA SER A 419 20.44 -19.22 -24.83
C SER A 419 21.66 -19.64 -25.63
N LEU A 420 21.64 -19.42 -26.95
CA LEU A 420 22.71 -19.90 -27.81
C LEU A 420 24.04 -19.23 -27.46
N ASN A 421 23.99 -17.94 -27.06
CA ASN A 421 25.21 -17.26 -26.64
C ASN A 421 25.87 -17.97 -25.47
N LEU A 422 25.06 -18.40 -24.48
CA LEU A 422 25.59 -19.13 -23.34
C LEU A 422 26.23 -20.45 -23.79
N ILE A 423 25.55 -21.16 -24.69
CA ILE A 423 26.06 -22.45 -25.17
C ILE A 423 27.37 -22.26 -25.92
N GLU A 424 27.40 -21.31 -26.85
CA GLU A 424 28.59 -21.09 -27.68
C GLU A 424 29.81 -20.79 -26.82
N LYS A 425 29.67 -19.86 -25.88
CA LYS A 425 30.84 -19.33 -25.20
C LYS A 425 31.29 -20.20 -24.03
N TYR A 426 30.38 -20.96 -23.43
CA TYR A 426 30.71 -21.71 -22.22
C TYR A 426 30.41 -23.20 -22.28
N PHE A 427 29.72 -23.68 -23.32
CA PHE A 427 29.41 -25.10 -23.46
C PHE A 427 29.79 -25.59 -24.86
N SER A 428 31.01 -25.27 -25.28
CA SER A 428 31.51 -25.61 -26.60
C SER A 428 31.78 -27.11 -26.75
N LYS B 5 18.99 -1.91 -11.89
CA LYS B 5 18.26 -0.69 -11.57
C LYS B 5 16.96 -0.97 -10.80
N ARG B 6 16.39 0.06 -10.20
CA ARG B 6 15.24 -0.10 -9.33
C ARG B 6 13.99 -0.42 -10.14
N GLN B 7 13.10 -1.21 -9.55
CA GLN B 7 11.77 -1.48 -10.09
C GLN B 7 10.74 -0.81 -9.19
N ARG B 8 10.02 0.17 -9.74
CA ARG B 8 8.94 0.80 -8.99
C ARG B 8 7.78 -0.17 -8.82
N ARG B 9 6.87 0.18 -7.92
CA ARG B 9 5.71 -0.65 -7.64
C ARG B 9 4.65 -0.50 -8.73
N SER C 4 -11.04 1.03 1.07
CA SER C 4 -11.09 2.43 0.64
C SER C 4 -12.30 3.21 1.16
N LYS C 5 -13.47 2.57 1.13
CA LYS C 5 -14.69 3.16 1.66
C LYS C 5 -15.20 2.27 2.80
N ARG C 6 -15.92 2.88 3.74
CA ARG C 6 -16.40 2.19 4.93
C ARG C 6 -17.87 2.53 5.11
N GLN C 7 -18.71 1.50 5.16
CA GLN C 7 -20.10 1.66 5.55
C GLN C 7 -20.18 1.61 7.08
N ARG C 8 -20.97 2.51 7.68
CA ARG C 8 -21.13 2.46 9.12
C ARG C 8 -22.25 1.49 9.51
N ARG C 9 -21.90 0.53 10.37
CA ARG C 9 -22.78 -0.50 10.96
C ARG C 9 -23.55 -1.22 9.87
#